data_5IYN
#
_entry.id   5IYN
#
_cell.length_a   89.190
_cell.length_b   105.920
_cell.length_c   135.860
_cell.angle_alpha   90.000
_cell.angle_beta   90.000
_cell.angle_gamma   90.000
#
_symmetry.space_group_name_H-M   'I 2 2 2'
#
loop_
_entity.id
_entity.type
_entity.pdbx_description
1 polymer VP1
2 non-polymer 1,2-ETHANEDIOL
3 water water
#
_entity_poly.entity_id   1
_entity_poly.type   'polypeptide(L)'
_entity_poly.pdbx_seq_one_letter_code
;SKPFTVPILTVEEMSNSRFPIPLEKLYTGPSSAFVVQPQNGRCTTDGVLLGTTQLSAVNICNFRGDVTRVGISHDYTMNL
VSQNWNNYDPTEEIPAPLGTPDFVGKIQGLLTQTTRADGSTRAHKATVSTGSVHFTPKLGSVQFTTDTNNDFQTGQNTKF
TPVGVIQDGDHHQNEPQQWVLPNYSGTSGHNVHLAPAVAPTFPGEQLLFFRSTMPGCSGYPNMNLDCLLPQEWVSHFYQE
AAPAQSDVALLRFVNPDTGRVLFECKLHKSGYITVAHTGPYDLVIPPNGYFRFDSWVNQFYTLAPM
;
_entity_poly.pdbx_strand_id   A,B
#
loop_
_chem_comp.id
_chem_comp.type
_chem_comp.name
_chem_comp.formula
EDO non-polymer 1,2-ETHANEDIOL 'C2 H6 O2'
#
# COMPACT_ATOMS: atom_id res chain seq x y z
N LYS A 2 9.41 25.41 12.12
CA LYS A 2 9.62 24.67 10.88
C LYS A 2 8.54 25.03 9.85
N PRO A 3 8.94 25.30 8.59
CA PRO A 3 7.95 25.67 7.57
C PRO A 3 7.03 24.51 7.22
N PHE A 4 5.73 24.78 7.21
CA PHE A 4 4.75 23.77 6.82
C PHE A 4 4.80 23.53 5.31
N THR A 5 4.59 22.28 4.92
CA THR A 5 4.49 21.89 3.52
C THR A 5 3.53 20.74 3.36
N VAL A 6 3.02 20.58 2.13
CA VAL A 6 2.31 19.38 1.75
C VAL A 6 3.10 18.66 0.65
N PRO A 7 2.87 17.36 0.49
CA PRO A 7 3.59 16.65 -0.57
C PRO A 7 3.33 17.17 -1.99
N ILE A 8 4.28 16.97 -2.88
CA ILE A 8 4.15 17.47 -4.25
C ILE A 8 3.70 16.38 -5.23
N LEU A 9 3.34 15.23 -4.68
CA LEU A 9 2.83 14.13 -5.47
C LEU A 9 1.51 14.47 -6.13
N THR A 10 1.31 13.95 -7.34
CA THR A 10 0.03 14.08 -8.03
C THR A 10 -1.02 13.17 -7.39
N VAL A 11 -2.28 13.43 -7.67
CA VAL A 11 -3.36 12.64 -7.09
C VAL A 11 -3.18 11.16 -7.43
N GLU A 12 -2.87 10.85 -8.69
CA GLU A 12 -2.76 9.46 -9.09
C GLU A 12 -1.48 8.77 -8.61
N GLU A 13 -0.57 9.53 -8.02
CA GLU A 13 0.64 8.97 -7.42
C GLU A 13 0.42 8.59 -5.95
N MET A 14 -0.76 8.88 -5.41
CA MET A 14 -1.01 8.70 -3.99
C MET A 14 -2.05 7.61 -3.75
N SER A 15 -2.19 7.26 -2.48
CA SER A 15 -2.98 6.12 -2.04
C SER A 15 -4.13 6.59 -1.21
N ASN A 16 -5.26 5.91 -1.32
CA ASN A 16 -6.37 6.14 -0.43
C ASN A 16 -5.98 5.80 0.99
N SER A 17 -6.45 6.58 1.96
CA SER A 17 -6.14 6.31 3.36
C SER A 17 -7.21 5.48 4.06
N ARG A 18 -8.23 5.03 3.32
CA ARG A 18 -9.31 4.21 3.91
C ARG A 18 -9.39 2.78 3.35
N PHE A 19 -8.54 2.46 2.39
CA PHE A 19 -8.53 1.13 1.74
C PHE A 19 -7.26 1.08 0.90
N PRO A 20 -6.65 -0.10 0.74
CA PRO A 20 -5.32 -0.16 0.08
C PRO A 20 -5.37 -0.14 -1.45
N ILE A 21 -5.78 1.02 -1.97
CA ILE A 21 -5.97 1.24 -3.40
C ILE A 21 -5.53 2.65 -3.75
N PRO A 22 -5.15 2.87 -5.01
CA PRO A 22 -4.68 4.21 -5.40
C PRO A 22 -5.81 5.22 -5.46
N LEU A 23 -5.44 6.49 -5.30
CA LEU A 23 -6.39 7.55 -5.59
C LEU A 23 -6.61 7.64 -7.08
N GLU A 24 -7.80 8.08 -7.45
CA GLU A 24 -8.19 8.25 -8.84
C GLU A 24 -8.53 9.68 -9.24
N LYS A 25 -9.18 10.42 -8.36
CA LYS A 25 -9.73 11.71 -8.75
C LYS A 25 -10.11 12.53 -7.52
N LEU A 26 -10.52 13.76 -7.77
CA LEU A 26 -10.98 14.67 -6.73
C LEU A 26 -12.45 14.98 -6.92
N TYR A 27 -13.17 15.03 -5.82
CA TYR A 27 -14.60 15.24 -5.85
C TYR A 27 -15.00 16.21 -4.75
N THR A 28 -15.98 17.10 -5.01
CA THR A 28 -16.59 17.85 -3.94
C THR A 28 -18.08 17.67 -4.02
N GLY A 29 -18.74 17.69 -2.88
CA GLY A 29 -20.18 17.65 -2.88
C GLY A 29 -20.72 18.04 -1.54
N PRO A 30 -22.03 18.23 -1.46
CA PRO A 30 -22.68 18.58 -0.21
C PRO A 30 -22.60 17.42 0.77
N SER A 31 -22.48 17.74 2.05
CA SER A 31 -22.48 16.67 3.03
C SER A 31 -23.16 17.11 4.30
N SER A 32 -24.08 18.07 4.20
CA SER A 32 -24.76 18.58 5.37
C SER A 32 -25.77 17.56 5.88
N ALA A 33 -26.26 16.69 5.00
CA ALA A 33 -27.37 15.82 5.36
C ALA A 33 -26.94 14.54 6.05
N PHE A 34 -25.63 14.32 6.22
CA PHE A 34 -25.16 13.10 6.88
C PHE A 34 -23.83 13.34 7.61
N VAL A 35 -23.45 12.41 8.46
CA VAL A 35 -22.23 12.55 9.25
C VAL A 35 -21.01 12.04 8.49
N VAL A 36 -20.01 12.89 8.38
CA VAL A 36 -18.73 12.55 7.78
C VAL A 36 -17.73 12.40 8.92
N GLN A 37 -17.45 11.15 9.29
CA GLN A 37 -16.61 10.87 10.44
C GLN A 37 -15.74 9.63 10.20
N PRO A 38 -15.01 9.62 9.07
CA PRO A 38 -14.07 8.51 8.87
C PRO A 38 -13.01 8.47 9.97
N GLN A 39 -12.51 7.27 10.23
CA GLN A 39 -11.53 7.06 11.30
C GLN A 39 -10.14 6.75 10.78
N ASN A 40 -10.06 6.31 9.53
CA ASN A 40 -8.79 6.18 8.85
C ASN A 40 -8.53 7.42 8.02
N GLY A 41 -7.26 7.73 7.80
CA GLY A 41 -6.93 8.93 7.06
C GLY A 41 -7.16 10.21 7.85
N ARG A 42 -6.96 10.14 9.17
CA ARG A 42 -7.19 11.27 10.05
C ARG A 42 -5.88 11.66 10.75
N CYS A 43 -5.46 12.90 10.50
CA CYS A 43 -4.20 13.40 11.01
C CYS A 43 -4.28 14.89 11.04
N THR A 44 -3.75 15.53 12.07
CA THR A 44 -3.67 16.97 12.06
C THR A 44 -2.49 17.43 11.24
N THR A 45 -2.48 18.69 10.84
CA THR A 45 -1.39 19.19 10.02
C THR A 45 -0.06 19.21 10.76
N ASP A 46 -0.09 19.24 12.09
CA ASP A 46 1.15 19.15 12.86
C ASP A 46 1.46 17.72 13.34
N GLY A 47 0.78 16.74 12.76
CA GLY A 47 1.22 15.36 12.80
C GLY A 47 0.66 14.49 13.89
N VAL A 48 -0.48 14.86 14.48
CA VAL A 48 -1.15 14.01 15.46
C VAL A 48 -2.15 13.07 14.78
N LEU A 49 -1.87 11.78 14.84
CA LEU A 49 -2.77 10.77 14.30
C LEU A 49 -4.03 10.70 15.12
N LEU A 50 -5.16 10.54 14.44
CA LEU A 50 -6.46 10.47 15.08
C LEU A 50 -7.21 9.19 14.71
N GLY A 51 -8.26 8.88 15.44
CA GLY A 51 -9.06 7.74 15.08
C GLY A 51 -8.30 6.42 15.11
N THR A 52 -8.42 5.66 14.04
CA THR A 52 -7.72 4.38 13.88
C THR A 52 -6.58 4.50 12.89
N THR A 53 -6.11 5.71 12.67
CA THR A 53 -5.14 5.95 11.61
C THR A 53 -3.75 5.50 11.96
N GLN A 54 -3.15 4.77 11.03
CA GLN A 54 -1.75 4.42 11.10
C GLN A 54 -1.05 4.79 9.79
N LEU A 55 0.20 4.37 9.61
CA LEU A 55 1.05 5.11 8.66
C LEU A 55 1.23 4.50 7.24
N SER A 56 0.86 3.26 7.00
CA SER A 56 0.96 2.73 5.65
CA SER A 56 0.98 2.71 5.65
C SER A 56 -0.34 2.19 5.12
N ALA A 57 -0.60 2.45 3.84
CA ALA A 57 -1.84 2.03 3.22
C ALA A 57 -1.92 0.51 3.13
N VAL A 58 -0.78 -0.18 3.11
CA VAL A 58 -0.83 -1.64 2.95
C VAL A 58 -1.40 -2.36 4.16
N ASN A 59 -1.59 -1.67 5.28
CA ASN A 59 -2.12 -2.29 6.49
C ASN A 59 -3.60 -2.07 6.72
N ILE A 60 -4.21 -1.24 5.88
CA ILE A 60 -5.59 -0.84 6.08
C ILE A 60 -6.50 -2.01 5.75
N CYS A 61 -7.43 -2.33 6.66
CA CYS A 61 -8.42 -3.38 6.50
C CYS A 61 -7.79 -4.77 6.41
N ASN A 62 -6.55 -4.91 6.89
CA ASN A 62 -5.90 -6.18 7.07
C ASN A 62 -6.24 -6.64 8.49
N PHE A 63 -6.28 -7.94 8.70
CA PHE A 63 -6.50 -8.53 10.02
C PHE A 63 -5.51 -9.67 10.19
N ARG A 64 -5.01 -9.86 11.41
CA ARG A 64 -4.08 -10.94 11.74
C ARG A 64 -4.47 -11.56 13.06
N GLY A 65 -4.26 -12.86 13.17
CA GLY A 65 -4.58 -13.55 14.39
C GLY A 65 -4.56 -15.04 14.23
N ASP A 66 -5.08 -15.74 15.24
CA ASP A 66 -5.31 -17.18 15.09
C ASP A 66 -6.79 -17.35 14.90
N VAL A 67 -7.19 -18.43 14.25
CA VAL A 67 -8.61 -18.61 13.97
C VAL A 67 -9.16 -19.89 14.55
N THR A 68 -10.47 -19.88 14.82
CA THR A 68 -11.17 -21.05 15.34
C THR A 68 -12.48 -21.12 14.59
N ARG A 69 -12.85 -22.32 14.16
CA ARG A 69 -14.06 -22.51 13.40
C ARG A 69 -15.28 -22.29 14.29
N VAL A 70 -16.31 -21.65 13.76
CA VAL A 70 -17.57 -21.49 14.46
C VAL A 70 -18.40 -22.76 14.23
N GLY A 71 -18.55 -23.56 15.28
CA GLY A 71 -19.23 -24.84 15.15
C GLY A 71 -18.52 -25.66 14.10
N ILE A 72 -19.27 -26.26 13.17
CA ILE A 72 -18.65 -26.95 12.05
C ILE A 72 -19.04 -26.26 10.74
N SER A 73 -19.32 -24.96 10.83
CA SER A 73 -19.68 -24.08 9.71
C SER A 73 -18.47 -23.63 8.88
N HIS A 74 -18.74 -22.76 7.90
CA HIS A 74 -17.72 -22.17 7.04
C HIS A 74 -17.23 -20.85 7.66
N ASP A 75 -17.73 -20.50 8.83
CA ASP A 75 -17.31 -19.26 9.52
C ASP A 75 -16.19 -19.53 10.51
N TYR A 76 -15.29 -18.56 10.62
CA TYR A 76 -14.15 -18.61 11.53
C TYR A 76 -14.04 -17.30 12.29
N THR A 77 -13.71 -17.43 13.58
CA THR A 77 -13.44 -16.31 14.46
C THR A 77 -11.96 -16.07 14.45
N MET A 78 -11.55 -14.83 14.27
CA MET A 78 -10.16 -14.47 14.41
C MET A 78 -9.96 -13.69 15.69
N ASN A 79 -9.03 -14.17 16.51
CA ASN A 79 -8.60 -13.45 17.71
C ASN A 79 -7.43 -12.57 17.32
N LEU A 80 -7.68 -11.27 17.29
CA LEU A 80 -6.78 -10.31 16.67
C LEU A 80 -5.53 -10.08 17.45
N VAL A 81 -4.45 -9.94 16.69
CA VAL A 81 -3.17 -9.49 17.18
C VAL A 81 -2.75 -8.29 16.34
N SER A 82 -1.61 -7.72 16.68
CA SER A 82 -1.12 -6.54 16.01
C SER A 82 -0.46 -6.86 14.70
N GLN A 83 -0.11 -5.80 13.99
CA GLN A 83 0.56 -5.91 12.69
C GLN A 83 1.77 -6.84 12.72
N ASN A 84 2.51 -6.84 13.82
CA ASN A 84 3.70 -7.68 13.99
C ASN A 84 3.47 -8.90 14.88
N TRP A 85 2.21 -9.28 15.05
CA TRP A 85 1.80 -10.53 15.70
C TRP A 85 1.88 -10.46 17.22
N ASN A 86 2.04 -9.25 17.75
CA ASN A 86 2.04 -9.06 19.19
C ASN A 86 0.66 -8.65 19.71
N ASN A 87 0.57 -8.46 21.02
CA ASN A 87 -0.73 -8.22 21.64
C ASN A 87 -1.44 -6.97 21.14
N TYR A 88 -2.76 -7.10 20.94
CA TYR A 88 -3.65 -5.96 20.84
C TYR A 88 -4.26 -5.72 22.20
N ASP A 89 -4.15 -4.49 22.69
CA ASP A 89 -4.67 -4.10 24.00
C ASP A 89 -5.99 -3.32 23.83
N PRO A 90 -7.13 -3.95 24.15
CA PRO A 90 -8.42 -3.28 24.02
C PRO A 90 -8.59 -2.08 24.92
N THR A 91 -7.73 -1.89 25.91
CA THR A 91 -7.89 -0.74 26.81
C THR A 91 -7.17 0.50 26.29
N GLU A 92 -6.36 0.36 25.25
CA GLU A 92 -5.77 1.53 24.62
C GLU A 92 -6.92 2.45 24.13
N GLU A 93 -6.78 3.76 24.25
CA GLU A 93 -7.88 4.67 23.98
C GLU A 93 -7.94 5.07 22.50
N ILE A 94 -8.17 4.05 21.67
CA ILE A 94 -8.47 4.19 20.25
C ILE A 94 -9.78 3.44 20.01
N PRO A 95 -10.49 3.73 18.91
CA PRO A 95 -11.81 3.12 18.69
C PRO A 95 -11.79 1.61 18.46
N ALA A 96 -10.66 1.13 18.00
CA ALA A 96 -10.48 -0.23 17.50
C ALA A 96 -9.03 -0.31 17.09
N PRO A 97 -8.50 -1.50 16.77
CA PRO A 97 -7.12 -1.56 16.27
C PRO A 97 -6.86 -0.59 15.12
N LEU A 98 -5.65 -0.06 15.04
CA LEU A 98 -5.32 0.85 13.96
C LEU A 98 -5.48 0.11 12.63
N GLY A 99 -6.08 0.80 11.68
CA GLY A 99 -6.32 0.25 10.35
C GLY A 99 -7.62 -0.51 10.18
N THR A 100 -8.40 -0.63 11.25
CA THR A 100 -9.71 -1.31 11.19
C THR A 100 -10.60 -0.61 10.18
N PRO A 101 -11.38 -1.36 9.38
CA PRO A 101 -12.33 -0.70 8.48
C PRO A 101 -13.23 0.33 9.15
N ASP A 102 -13.47 1.47 8.51
CA ASP A 102 -14.32 2.51 9.12
C ASP A 102 -15.60 2.71 8.33
N PHE A 103 -16.10 1.65 7.71
CA PHE A 103 -17.38 1.75 7.02
C PHE A 103 -18.15 0.43 7.22
N VAL A 104 -19.46 0.47 7.01
CA VAL A 104 -20.31 -0.71 7.13
C VAL A 104 -20.42 -1.33 5.76
N GLY A 105 -19.96 -2.56 5.66
CA GLY A 105 -20.05 -3.28 4.43
C GLY A 105 -19.41 -4.63 4.53
N LYS A 106 -19.43 -5.33 3.43
CA LYS A 106 -18.89 -6.68 3.38
C LYS A 106 -17.66 -6.63 2.52
N ILE A 107 -16.51 -6.93 3.12
CA ILE A 107 -15.21 -6.86 2.48
C ILE A 107 -14.76 -8.28 2.15
N GLN A 108 -14.43 -8.51 0.88
CA GLN A 108 -13.95 -9.81 0.43
C GLN A 108 -12.45 -9.76 0.24
N GLY A 109 -11.79 -10.87 0.53
CA GLY A 109 -10.38 -10.97 0.33
C GLY A 109 -10.00 -12.43 0.43
N LEU A 110 -8.74 -12.67 0.78
CA LEU A 110 -8.22 -14.02 1.00
C LEU A 110 -7.73 -14.09 2.41
N LEU A 111 -8.11 -15.17 3.08
CA LEU A 111 -7.57 -15.55 4.36
C LEU A 111 -6.45 -16.57 4.11
N THR A 112 -5.24 -16.24 4.55
CA THR A 112 -4.03 -17.05 4.32
C THR A 112 -3.47 -17.53 5.65
N GLN A 113 -2.81 -18.67 5.65
CA GLN A 113 -2.31 -19.24 6.88
C GLN A 113 -1.03 -20.03 6.60
N THR A 114 -0.08 -19.93 7.52
CA THR A 114 1.12 -20.76 7.50
C THR A 114 1.16 -21.63 8.73
N THR A 115 1.49 -22.90 8.54
CA THR A 115 1.74 -23.81 9.64
C THR A 115 3.21 -23.71 9.99
N ARG A 116 3.48 -23.28 11.22
CA ARG A 116 4.83 -22.91 11.64
C ARG A 116 5.77 -24.12 11.57
N ALA A 117 5.27 -25.29 11.95
CA ALA A 117 6.12 -26.48 12.07
C ALA A 117 6.76 -26.94 10.77
N ASP A 118 6.05 -26.83 9.65
CA ASP A 118 6.59 -27.33 8.40
C ASP A 118 6.56 -26.33 7.26
N GLY A 119 6.03 -25.14 7.50
CA GLY A 119 5.97 -24.13 6.46
C GLY A 119 4.96 -24.41 5.37
N SER A 120 3.98 -25.27 5.64
CA SER A 120 2.90 -25.46 4.71
C SER A 120 1.93 -24.27 4.79
N THR A 121 1.29 -23.99 3.66
CA THR A 121 0.46 -22.80 3.55
C THR A 121 -0.85 -23.11 2.86
N ARG A 122 -1.81 -22.21 3.06
CA ARG A 122 -3.16 -22.39 2.52
C ARG A 122 -3.84 -21.03 2.41
N ALA A 123 -4.82 -20.91 1.51
CA ALA A 123 -5.56 -19.66 1.32
C ALA A 123 -6.95 -19.97 0.84
N HIS A 124 -7.91 -19.22 1.36
CA HIS A 124 -9.30 -19.39 1.02
C HIS A 124 -9.97 -18.05 0.90
N LYS A 125 -10.92 -17.93 -0.04
CA LYS A 125 -11.73 -16.72 -0.17
C LYS A 125 -12.50 -16.53 1.14
N ALA A 126 -12.61 -15.29 1.57
CA ALA A 126 -13.29 -15.00 2.83
C ALA A 126 -13.89 -13.62 2.79
N THR A 127 -14.96 -13.46 3.56
CA THR A 127 -15.63 -12.18 3.66
CA THR A 127 -15.60 -12.16 3.65
C THR A 127 -15.78 -11.80 5.11
N VAL A 128 -15.60 -10.51 5.42
CA VAL A 128 -15.87 -10.00 6.75
C VAL A 128 -16.97 -8.96 6.60
N SER A 129 -18.06 -9.17 7.32
CA SER A 129 -19.18 -8.21 7.32
C SER A 129 -19.03 -7.27 8.48
N THR A 130 -18.75 -5.99 8.22
CA THR A 130 -18.46 -5.10 9.34
C THR A 130 -19.73 -4.60 10.01
N GLY A 131 -20.90 -4.86 9.41
CA GLY A 131 -22.19 -4.59 10.06
C GLY A 131 -22.71 -5.73 10.93
N SER A 132 -21.99 -6.85 10.93
CA SER A 132 -22.39 -8.03 11.69
C SER A 132 -22.25 -7.81 13.20
N VAL A 133 -23.08 -8.48 14.00
CA VAL A 133 -22.93 -8.41 15.45
C VAL A 133 -21.62 -9.07 15.88
N HIS A 134 -21.00 -9.86 15.00
CA HIS A 134 -19.77 -10.55 15.34
C HIS A 134 -18.54 -9.75 14.91
N PHE A 135 -18.77 -8.56 14.36
CA PHE A 135 -17.68 -7.65 14.07
C PHE A 135 -17.39 -6.85 15.33
N THR A 136 -16.42 -7.32 16.10
CA THR A 136 -16.14 -6.74 17.40
C THR A 136 -14.66 -6.55 17.56
N PRO A 137 -14.03 -5.82 16.64
CA PRO A 137 -12.58 -5.68 16.73
C PRO A 137 -12.10 -4.95 18.00
N LYS A 138 -12.88 -4.04 18.56
CA LYS A 138 -12.48 -3.38 19.79
C LYS A 138 -12.50 -4.36 20.95
N LEU A 139 -13.26 -5.44 20.85
CA LEU A 139 -13.20 -6.52 21.84
C LEU A 139 -12.09 -7.50 21.56
N GLY A 140 -11.52 -7.40 20.37
CA GLY A 140 -10.42 -8.26 19.99
C GLY A 140 -10.75 -9.40 19.05
N SER A 141 -11.93 -9.39 18.42
CA SER A 141 -12.26 -10.48 17.49
C SER A 141 -13.18 -10.07 16.38
N VAL A 142 -13.00 -10.73 15.23
CA VAL A 142 -13.93 -10.58 14.13
C VAL A 142 -14.23 -11.94 13.54
N GLN A 143 -15.31 -12.03 12.78
CA GLN A 143 -15.74 -13.30 12.20
C GLN A 143 -15.72 -13.20 10.69
N PHE A 144 -15.17 -14.23 10.07
CA PHE A 144 -15.12 -14.35 8.60
C PHE A 144 -16.01 -15.46 8.13
N THR A 145 -16.66 -15.26 6.98
CA THR A 145 -17.28 -16.37 6.25
C THR A 145 -16.31 -16.80 5.17
N THR A 146 -15.97 -18.09 5.12
CA THR A 146 -14.97 -18.56 4.19
C THR A 146 -15.49 -19.64 3.26
N ASP A 147 -14.66 -20.03 2.29
CA ASP A 147 -15.07 -21.06 1.35
C ASP A 147 -14.64 -22.45 1.82
N THR A 148 -14.23 -22.58 3.09
CA THR A 148 -13.89 -23.87 3.65
C THR A 148 -14.56 -24.08 5.01
N ASN A 149 -14.85 -25.34 5.33
CA ASN A 149 -15.28 -25.67 6.70
C ASN A 149 -14.33 -26.64 7.42
N ASN A 150 -13.09 -26.77 6.96
CA ASN A 150 -12.17 -27.70 7.61
CA ASN A 150 -12.16 -27.66 7.66
C ASN A 150 -10.67 -27.40 7.43
N ASP A 151 -10.31 -26.49 6.53
CA ASP A 151 -8.89 -26.44 6.15
C ASP A 151 -7.99 -25.58 7.07
N PHE A 152 -8.55 -24.59 7.75
CA PHE A 152 -7.72 -23.75 8.62
C PHE A 152 -7.42 -24.41 9.95
N GLN A 153 -6.16 -24.35 10.33
CA GLN A 153 -5.68 -24.93 11.58
C GLN A 153 -5.76 -23.95 12.73
N THR A 154 -5.87 -24.47 13.95
CA THR A 154 -5.83 -23.62 15.12
C THR A 154 -4.39 -23.33 15.55
N GLY A 155 -4.22 -22.21 16.24
CA GLY A 155 -2.95 -21.80 16.80
C GLY A 155 -1.88 -21.47 15.78
N GLN A 156 -2.30 -21.16 14.56
CA GLN A 156 -1.38 -20.81 13.47
C GLN A 156 -1.63 -19.38 12.95
N ASN A 157 -0.55 -18.67 12.62
CA ASN A 157 -0.67 -17.30 12.11
C ASN A 157 -1.49 -17.24 10.84
N THR A 158 -2.52 -16.37 10.88
CA THR A 158 -3.53 -16.28 9.84
C THR A 158 -3.70 -14.79 9.53
N LYS A 159 -3.75 -14.44 8.24
CA LYS A 159 -3.89 -13.05 7.79
C LYS A 159 -5.04 -12.92 6.80
N PHE A 160 -5.83 -11.87 6.95
CA PHE A 160 -6.78 -11.47 5.92
C PHE A 160 -6.22 -10.33 5.11
N THR A 161 -6.18 -10.51 3.80
CA THR A 161 -5.82 -9.43 2.86
C THR A 161 -7.07 -9.00 2.15
N PRO A 162 -7.44 -7.72 2.29
CA PRO A 162 -8.66 -7.25 1.63
C PRO A 162 -8.44 -7.04 0.14
N VAL A 163 -9.51 -7.24 -0.63
CA VAL A 163 -9.46 -7.01 -2.07
C VAL A 163 -10.56 -6.04 -2.51
N GLY A 164 -11.77 -6.26 -2.07
CA GLY A 164 -12.85 -5.39 -2.51
C GLY A 164 -14.11 -5.60 -1.71
N VAL A 165 -15.25 -5.17 -2.25
CA VAL A 165 -16.50 -5.19 -1.51
C VAL A 165 -17.58 -5.93 -2.25
N ILE A 166 -18.55 -6.43 -1.50
CA ILE A 166 -19.67 -7.16 -2.09
C ILE A 166 -20.98 -6.57 -1.62
N GLN A 167 -22.02 -6.90 -2.37
CA GLN A 167 -23.37 -6.46 -2.08
C GLN A 167 -24.35 -7.59 -2.30
N ASP A 168 -25.47 -7.53 -1.55
CA ASP A 168 -26.60 -8.43 -1.72
C ASP A 168 -27.92 -7.65 -1.71
N GLY A 169 -28.83 -7.98 -2.62
CA GLY A 169 -30.18 -7.43 -2.64
C GLY A 169 -30.41 -6.21 -3.52
N HIS A 172 -29.89 -1.96 -5.58
CA HIS A 172 -28.49 -1.97 -5.98
C HIS A 172 -27.75 -0.79 -5.37
N GLN A 173 -26.47 -1.01 -5.13
CA GLN A 173 -25.60 0.00 -4.49
C GLN A 173 -26.07 0.46 -3.10
N ASN A 174 -26.80 -0.38 -2.37
CA ASN A 174 -27.22 -0.07 -0.98
C ASN A 174 -26.11 -0.24 0.05
N GLU A 175 -25.11 -1.03 -0.31
CA GLU A 175 -23.96 -1.28 0.54
C GLU A 175 -22.73 -1.38 -0.36
N PRO A 176 -21.54 -1.13 0.19
CA PRO A 176 -21.22 -0.56 1.49
C PRO A 176 -21.79 0.83 1.70
N GLN A 177 -21.85 1.22 2.98
CA GLN A 177 -22.22 2.58 3.39
CA GLN A 177 -22.21 2.58 3.36
C GLN A 177 -20.97 3.27 3.92
N GLN A 178 -20.31 4.06 3.07
CA GLN A 178 -18.98 4.50 3.44
C GLN A 178 -18.94 5.53 4.56
N TRP A 179 -20.05 6.18 4.86
CA TRP A 179 -20.06 7.19 5.92
C TRP A 179 -20.74 6.68 7.19
N VAL A 180 -21.09 5.41 7.23
CA VAL A 180 -21.65 4.83 8.43
C VAL A 180 -20.57 4.02 9.10
N LEU A 181 -20.19 4.40 10.32
CA LEU A 181 -19.18 3.64 11.03
C LEU A 181 -19.76 2.33 11.54
N PRO A 182 -18.94 1.28 11.53
CA PRO A 182 -19.34 0.04 12.19
C PRO A 182 -19.42 0.30 13.67
N ASN A 183 -20.13 -0.56 14.38
CA ASN A 183 -20.02 -0.62 15.84
C ASN A 183 -18.86 -1.51 16.21
N TYR A 184 -17.76 -0.89 16.63
CA TYR A 184 -16.54 -1.61 16.86
C TYR A 184 -16.61 -2.60 18.02
N SER A 185 -17.61 -2.45 18.90
CA SER A 185 -17.83 -3.38 19.99
C SER A 185 -19.13 -4.15 19.81
N GLY A 186 -19.68 -4.16 18.60
CA GLY A 186 -20.93 -4.84 18.35
C GLY A 186 -22.06 -4.28 19.19
N THR A 187 -22.92 -5.16 19.67
CA THR A 187 -24.05 -4.74 20.49
C THR A 187 -23.67 -4.48 21.95
N SER A 188 -22.40 -4.71 22.30
CA SER A 188 -21.97 -4.62 23.70
C SER A 188 -21.55 -3.23 24.17
N GLY A 189 -21.42 -2.29 23.26
CA GLY A 189 -21.01 -0.96 23.67
C GLY A 189 -21.03 -0.03 22.50
N HIS A 190 -21.02 1.26 22.80
CA HIS A 190 -20.99 2.28 21.79
C HIS A 190 -19.55 2.63 21.40
N ASN A 191 -19.39 3.20 20.22
CA ASN A 191 -18.08 3.59 19.76
C ASN A 191 -17.47 4.68 20.65
N VAL A 192 -16.16 4.59 20.91
CA VAL A 192 -15.44 5.56 21.75
C VAL A 192 -14.14 6.01 21.08
N HIS A 193 -13.68 7.21 21.47
CA HIS A 193 -12.36 7.73 21.09
C HIS A 193 -12.28 8.04 19.60
N LEU A 194 -13.42 8.41 19.02
CA LEU A 194 -13.47 8.70 17.58
C LEU A 194 -12.83 10.03 17.18
N ALA A 195 -12.20 10.04 16.02
CA ALA A 195 -11.85 11.30 15.35
C ALA A 195 -13.16 12.05 15.09
N PRO A 196 -13.11 13.38 15.20
CA PRO A 196 -14.39 14.09 15.13
C PRO A 196 -15.03 14.10 13.75
N ALA A 197 -16.35 14.33 13.74
CA ALA A 197 -17.05 14.55 12.50
C ALA A 197 -16.60 15.86 11.91
N VAL A 198 -16.67 15.96 10.58
CA VAL A 198 -16.18 17.15 9.91
C VAL A 198 -17.25 17.78 9.04
N ALA A 199 -17.17 19.11 8.96
CA ALA A 199 -18.10 19.86 8.15
C ALA A 199 -17.52 21.22 7.83
N PRO A 200 -17.85 21.76 6.67
CA PRO A 200 -17.44 23.15 6.44
C PRO A 200 -18.15 24.06 7.43
N THR A 201 -17.51 25.12 7.90
CA THR A 201 -18.18 26.05 8.81
C THR A 201 -18.41 27.39 8.16
N PHE A 202 -17.87 27.56 6.96
CA PHE A 202 -17.89 28.82 6.25
C PHE A 202 -18.95 28.79 5.13
N PRO A 203 -19.79 29.82 5.03
CA PRO A 203 -20.79 29.78 3.97
C PRO A 203 -20.18 29.66 2.56
N GLY A 204 -20.78 28.82 1.74
CA GLY A 204 -20.36 28.61 0.36
C GLY A 204 -19.28 27.56 0.16
N GLU A 205 -18.88 26.90 1.24
CA GLU A 205 -17.81 25.89 1.16
C GLU A 205 -18.33 24.49 1.29
N GLN A 206 -17.60 23.58 0.66
CA GLN A 206 -17.85 22.15 0.75
C GLN A 206 -16.53 21.47 1.03
N LEU A 207 -16.62 20.25 1.58
CA LEU A 207 -15.45 19.38 1.66
C LEU A 207 -14.94 18.99 0.30
N LEU A 208 -13.63 18.82 0.23
CA LEU A 208 -12.98 18.24 -0.94
C LEU A 208 -12.54 16.84 -0.57
N PHE A 209 -12.93 15.88 -1.38
CA PHE A 209 -12.68 14.48 -1.15
C PHE A 209 -11.67 13.94 -2.14
N PHE A 210 -10.84 13.05 -1.65
CA PHE A 210 -9.90 12.31 -2.48
C PHE A 210 -10.52 10.94 -2.75
N ARG A 211 -10.84 10.68 -4.00
CA ARG A 211 -11.73 9.57 -4.36
C ARG A 211 -11.05 8.41 -5.07
N SER A 212 -11.45 7.20 -4.68
CA SER A 212 -11.06 5.94 -5.33
C SER A 212 -12.29 5.12 -5.68
N THR A 213 -12.09 4.07 -6.47
CA THR A 213 -13.14 3.11 -6.75
C THR A 213 -12.70 1.77 -6.17
N MET A 214 -13.43 1.24 -5.19
CA MET A 214 -13.08 -0.04 -4.62
C MET A 214 -13.43 -1.09 -5.63
N PRO A 215 -12.59 -2.12 -5.78
CA PRO A 215 -13.02 -3.27 -6.57
C PRO A 215 -14.28 -3.91 -5.98
N GLY A 216 -15.11 -4.42 -6.89
CA GLY A 216 -16.31 -5.13 -6.47
C GLY A 216 -16.11 -6.61 -6.73
N CYS A 217 -16.64 -7.42 -5.84
CA CYS A 217 -16.37 -8.85 -5.88
C CYS A 217 -17.61 -9.72 -6.02
N SER A 218 -18.78 -9.12 -5.88
CA SER A 218 -20.06 -9.81 -6.02
C SER A 218 -21.23 -8.85 -5.85
N GLY A 219 -22.29 -9.08 -6.61
CA GLY A 219 -23.47 -8.25 -6.50
C GLY A 219 -23.29 -6.90 -7.15
N TYR A 220 -23.99 -5.91 -6.61
CA TYR A 220 -24.04 -4.57 -7.16
C TYR A 220 -23.64 -3.55 -6.09
N PRO A 221 -22.37 -3.57 -5.70
CA PRO A 221 -21.95 -2.71 -4.59
C PRO A 221 -21.76 -1.23 -4.98
N ASN A 222 -21.89 -0.36 -3.99
CA ASN A 222 -21.45 1.03 -4.12
C ASN A 222 -19.95 1.06 -3.94
N MET A 223 -19.22 1.34 -5.01
CA MET A 223 -17.77 1.20 -4.94
C MET A 223 -17.01 2.52 -4.73
N ASN A 224 -17.71 3.65 -4.58
CA ASN A 224 -17.05 4.91 -4.24
C ASN A 224 -16.42 4.89 -2.85
N LEU A 225 -15.18 5.37 -2.74
CA LEU A 225 -14.53 5.48 -1.44
C LEU A 225 -13.79 6.79 -1.39
N ASP A 226 -14.23 7.66 -0.51
CA ASP A 226 -13.69 9.02 -0.40
C ASP A 226 -12.88 9.16 0.87
N CYS A 227 -11.70 9.75 0.79
CA CYS A 227 -10.96 10.02 2.02
C CYS A 227 -10.67 11.51 2.15
N LEU A 228 -10.38 11.94 3.37
CA LEU A 228 -10.17 13.36 3.63
C LEU A 228 -8.74 13.79 3.35
N LEU A 229 -7.79 12.87 3.51
CA LEU A 229 -6.37 13.09 3.28
C LEU A 229 -5.77 11.87 2.60
N PRO A 230 -4.91 12.05 1.60
CA PRO A 230 -4.16 10.89 1.06
C PRO A 230 -3.25 10.27 2.12
N GLN A 231 -2.98 8.98 2.00
CA GLN A 231 -2.13 8.33 3.00
C GLN A 231 -0.77 9.02 3.04
N GLU A 232 -0.27 9.44 1.90
CA GLU A 232 1.04 10.12 1.82
C GLU A 232 1.06 11.45 2.57
N TRP A 233 -0.08 12.14 2.66
CA TRP A 233 -0.13 13.35 3.46
C TRP A 233 -0.10 13.03 4.95
N VAL A 234 -0.82 11.99 5.37
CA VAL A 234 -0.77 11.50 6.75
C VAL A 234 0.67 11.25 7.16
N SER A 235 1.39 10.48 6.33
CA SER A 235 2.76 10.14 6.71
CA SER A 235 2.78 10.13 6.63
C SER A 235 3.66 11.37 6.69
N HIS A 236 3.44 12.29 5.77
CA HIS A 236 4.19 13.54 5.70
C HIS A 236 3.99 14.40 6.94
N PHE A 237 2.73 14.66 7.31
CA PHE A 237 2.48 15.49 8.49
C PHE A 237 3.03 14.83 9.77
N TYR A 238 2.88 13.51 9.89
CA TYR A 238 3.39 12.78 11.03
C TYR A 238 4.90 12.98 11.19
N GLN A 239 5.61 12.93 10.09
CA GLN A 239 7.06 13.07 10.17
C GLN A 239 7.51 14.50 10.36
N GLU A 240 6.91 15.42 9.62
CA GLU A 240 7.34 16.82 9.68
C GLU A 240 6.98 17.49 10.99
N ALA A 241 5.76 17.25 11.45
CA ALA A 241 5.28 17.81 12.71
C ALA A 241 5.50 19.32 12.74
N ALA A 242 5.19 19.99 11.62
CA ALA A 242 5.39 21.44 11.52
C ALA A 242 4.27 22.12 12.26
N PRO A 243 4.61 23.11 13.10
CA PRO A 243 3.54 23.77 13.87
C PRO A 243 2.59 24.54 12.98
N ALA A 244 1.31 24.50 13.36
CA ALA A 244 0.27 25.25 12.67
C ALA A 244 0.29 26.69 13.17
N GLN A 245 0.46 27.65 12.26
CA GLN A 245 0.54 29.06 12.65
C GLN A 245 -0.84 29.71 12.70
N SER A 246 -1.83 29.04 12.13
CA SER A 246 -3.22 29.45 12.24
C SER A 246 -4.05 28.18 12.12
N ASP A 247 -5.36 28.30 12.15
CA ASP A 247 -6.21 27.12 12.05
C ASP A 247 -6.44 26.68 10.61
N VAL A 248 -5.96 27.45 9.64
CA VAL A 248 -6.23 27.18 8.23
C VAL A 248 -5.03 27.48 7.36
N ALA A 249 -4.64 26.49 6.57
CA ALA A 249 -3.58 26.63 5.57
C ALA A 249 -4.19 26.81 4.20
N LEU A 250 -3.77 27.86 3.49
CA LEU A 250 -4.23 28.07 2.13
C LEU A 250 -3.36 27.29 1.19
N LEU A 251 -3.98 26.39 0.41
CA LEU A 251 -3.30 25.66 -0.65
C LEU A 251 -3.76 26.09 -2.04
N ARG A 252 -2.84 26.05 -2.98
CA ARG A 252 -3.15 26.27 -4.37
C ARG A 252 -2.85 24.99 -5.13
N PHE A 253 -3.78 24.56 -5.96
CA PHE A 253 -3.59 23.42 -6.83
C PHE A 253 -3.04 23.97 -8.13
N VAL A 254 -1.81 23.60 -8.44
CA VAL A 254 -1.06 24.21 -9.55
CA VAL A 254 -1.11 24.22 -9.56
C VAL A 254 -0.79 23.25 -10.68
N ASN A 255 -0.80 23.78 -11.90
CA ASN A 255 -0.40 23.05 -13.09
C ASN A 255 1.03 23.46 -13.41
N PRO A 256 2.01 22.60 -13.15
CA PRO A 256 3.38 23.06 -13.39
C PRO A 256 3.72 23.21 -14.87
N ASP A 257 2.91 22.62 -15.75
CA ASP A 257 3.12 22.75 -17.19
C ASP A 257 2.86 24.16 -17.69
N THR A 258 2.11 24.93 -16.91
CA THR A 258 1.67 26.27 -17.33
C THR A 258 1.86 27.32 -16.23
N GLY A 259 2.22 26.87 -15.04
CA GLY A 259 2.38 27.75 -13.90
C GLY A 259 1.05 28.27 -13.36
N ARG A 260 -0.05 27.90 -14.00
CA ARG A 260 -1.37 28.42 -13.64
C ARG A 260 -1.92 27.71 -12.41
N VAL A 261 -2.56 28.48 -11.54
CA VAL A 261 -3.35 27.93 -10.45
C VAL A 261 -4.73 27.52 -10.97
N LEU A 262 -5.11 26.26 -10.75
CA LEU A 262 -6.41 25.76 -11.15
C LEU A 262 -7.48 26.11 -10.13
N PHE A 263 -7.18 25.94 -8.85
CA PHE A 263 -8.10 26.34 -7.78
C PHE A 263 -7.35 26.47 -6.48
N GLU A 264 -7.99 27.10 -5.51
CA GLU A 264 -7.40 27.19 -4.19
C GLU A 264 -8.35 26.57 -3.19
N CYS A 265 -7.79 26.18 -2.07
CA CYS A 265 -8.58 25.47 -1.06
C CYS A 265 -7.99 25.70 0.32
N LYS A 266 -8.77 25.38 1.33
CA LYS A 266 -8.38 25.54 2.72
C LYS A 266 -8.09 24.18 3.33
N LEU A 267 -6.87 24.01 3.81
CA LEU A 267 -6.54 22.83 4.62
C LEU A 267 -6.65 23.22 6.08
N HIS A 268 -7.65 22.67 6.76
CA HIS A 268 -7.87 22.92 8.17
C HIS A 268 -6.90 22.15 9.01
N LYS A 269 -6.43 22.79 10.08
CA LYS A 269 -5.41 22.23 10.95
C LYS A 269 -5.81 20.83 11.43
N SER A 270 -7.11 20.61 11.65
CA SER A 270 -7.51 19.30 12.17
C SER A 270 -7.58 18.22 11.09
N GLY A 271 -7.23 18.56 9.84
CA GLY A 271 -6.95 17.55 8.81
C GLY A 271 -8.01 17.27 7.76
N TYR A 272 -8.50 18.31 7.10
CA TYR A 272 -9.43 18.13 5.99
C TYR A 272 -9.41 19.40 5.16
N ILE A 273 -9.93 19.28 3.94
CA ILE A 273 -9.88 20.37 2.98
C ILE A 273 -11.28 20.83 2.60
N THR A 274 -11.46 22.15 2.51
CA THR A 274 -12.68 22.71 1.92
C THR A 274 -12.38 23.57 0.69
N VAL A 275 -13.38 23.65 -0.18
CA VAL A 275 -13.33 24.46 -1.40
C VAL A 275 -14.59 25.31 -1.46
N ALA A 276 -14.52 26.41 -2.19
CA ALA A 276 -15.71 27.24 -2.41
C ALA A 276 -16.48 26.74 -3.61
N HIS A 277 -17.50 25.93 -3.36
CA HIS A 277 -18.32 25.39 -4.43
C HIS A 277 -19.63 24.91 -3.82
N THR A 278 -20.70 24.98 -4.61
CA THR A 278 -21.98 24.44 -4.23
C THR A 278 -22.40 23.43 -5.26
N GLY A 279 -22.64 22.21 -4.79
CA GLY A 279 -23.14 21.14 -5.63
C GLY A 279 -22.11 20.05 -5.81
N PRO A 280 -22.54 18.91 -6.33
CA PRO A 280 -21.62 17.83 -6.62
C PRO A 280 -20.77 18.18 -7.82
N TYR A 281 -19.48 17.90 -7.76
CA TYR A 281 -18.61 18.21 -8.87
C TYR A 281 -17.41 17.30 -8.90
N ASP A 282 -17.19 16.68 -10.05
CA ASP A 282 -16.00 15.88 -10.32
C ASP A 282 -14.94 16.81 -10.92
N LEU A 283 -13.88 17.07 -10.16
CA LEU A 283 -12.91 18.06 -10.59
C LEU A 283 -12.20 17.56 -11.83
N VAL A 284 -11.89 18.50 -12.71
CA VAL A 284 -11.13 18.23 -13.92
C VAL A 284 -9.73 18.76 -13.69
N ILE A 285 -8.76 17.87 -13.56
CA ILE A 285 -7.41 18.27 -13.21
C ILE A 285 -6.41 17.72 -14.22
N PRO A 286 -5.34 18.48 -14.48
CA PRO A 286 -4.30 18.06 -15.41
C PRO A 286 -3.39 17.01 -14.79
N PRO A 287 -2.77 16.18 -15.63
CA PRO A 287 -2.03 15.01 -15.13
C PRO A 287 -0.86 15.33 -14.20
N ASN A 288 -0.28 16.52 -14.25
CA ASN A 288 0.85 16.89 -13.41
C ASN A 288 0.50 17.85 -12.30
N GLY A 289 -0.80 18.09 -12.11
CA GLY A 289 -1.24 19.01 -11.09
C GLY A 289 -0.90 18.52 -9.69
N TYR A 290 -0.60 19.47 -8.81
CA TYR A 290 -0.29 19.13 -7.43
C TYR A 290 -0.67 20.28 -6.51
N PHE A 291 -0.74 19.99 -5.21
CA PHE A 291 -1.05 21.00 -4.21
C PHE A 291 0.20 21.66 -3.67
N ARG A 292 0.08 22.96 -3.42
CA ARG A 292 1.18 23.77 -2.90
C ARG A 292 0.72 24.67 -1.76
N PHE A 293 1.37 24.59 -0.60
CA PHE A 293 1.02 25.44 0.52
C PHE A 293 1.53 26.85 0.24
N ASP A 294 0.66 27.85 0.38
CA ASP A 294 1.07 29.23 0.10
C ASP A 294 1.07 30.15 1.33
N SER A 295 0.13 29.97 2.23
CA SER A 295 0.10 30.81 3.43
C SER A 295 -0.89 30.33 4.47
N TRP A 296 -0.61 30.71 5.71
CA TRP A 296 -1.55 30.55 6.80
C TRP A 296 -2.55 31.70 6.73
N VAL A 297 -3.83 31.38 6.87
CA VAL A 297 -4.91 32.38 6.84
C VAL A 297 -5.82 32.19 8.06
N ASN A 298 -6.77 33.09 8.31
CA ASN A 298 -7.74 32.85 9.39
C ASN A 298 -9.00 32.15 8.87
N GLN A 299 -9.93 31.83 9.78
CA GLN A 299 -11.15 31.12 9.45
C GLN A 299 -12.06 31.92 8.51
N PHE A 300 -11.85 33.24 8.46
CA PHE A 300 -12.70 34.14 7.67
C PHE A 300 -12.19 34.43 6.25
N TYR A 301 -11.17 33.70 5.80
CA TYR A 301 -10.68 33.89 4.43
C TYR A 301 -11.70 33.40 3.40
N THR A 302 -12.01 34.23 2.41
CA THR A 302 -12.91 33.82 1.32
C THR A 302 -12.14 33.30 0.13
N LEU A 303 -12.32 32.01 -0.16
CA LEU A 303 -11.70 31.40 -1.31
C LEU A 303 -12.31 31.89 -2.63
N ALA A 304 -11.47 31.99 -3.66
CA ALA A 304 -11.96 32.16 -5.02
C ALA A 304 -12.78 30.94 -5.38
N PRO A 305 -13.87 31.14 -6.11
CA PRO A 305 -14.68 29.97 -6.48
C PRO A 305 -13.86 28.91 -7.17
N MET A 306 -14.01 27.66 -6.73
CA MET A 306 -13.27 26.55 -7.32
C MET A 306 -13.52 26.48 -8.83
N SER B 1 22.00 24.78 -1.43
CA SER B 1 21.25 23.71 -2.09
C SER B 1 20.65 22.73 -1.06
N LYS B 2 19.58 22.07 -1.46
CA LYS B 2 18.65 21.42 -0.54
C LYS B 2 19.29 20.28 0.27
N PRO B 3 19.23 20.36 1.62
CA PRO B 3 19.84 19.30 2.44
C PRO B 3 19.17 17.96 2.24
N PHE B 4 19.98 16.92 2.17
CA PHE B 4 19.48 15.56 2.02
C PHE B 4 19.02 15.04 3.37
N THR B 5 17.95 14.24 3.33
CA THR B 5 17.41 13.57 4.50
C THR B 5 16.82 12.23 4.10
N VAL B 6 16.69 11.34 5.08
CA VAL B 6 15.86 10.15 4.92
C VAL B 6 14.68 10.24 5.90
N PRO B 7 13.61 9.47 5.65
CA PRO B 7 12.45 9.52 6.54
C PRO B 7 12.78 9.08 7.95
N ILE B 8 12.01 9.57 8.91
CA ILE B 8 12.20 9.16 10.30
C ILE B 8 11.25 8.05 10.73
N LEU B 9 10.54 7.45 9.78
CA LEU B 9 9.68 6.32 10.07
C LEU B 9 10.45 5.12 10.56
N THR B 10 9.86 4.37 11.47
CA THR B 10 10.49 3.16 11.94
C THR B 10 10.30 2.06 10.91
N VAL B 11 11.06 0.98 11.04
CA VAL B 11 10.98 -0.10 10.05
C VAL B 11 9.55 -0.63 9.89
N GLU B 12 8.88 -0.89 11.01
CA GLU B 12 7.52 -1.46 10.96
C GLU B 12 6.45 -0.46 10.51
N GLU B 13 6.80 0.82 10.44
CA GLU B 13 5.88 1.83 9.93
C GLU B 13 5.94 1.93 8.40
N MET B 14 6.82 1.15 7.77
CA MET B 14 7.04 1.28 6.34
C MET B 14 6.64 0.03 5.57
N SER B 15 6.68 0.16 4.25
CA SER B 15 6.14 -0.82 3.32
C SER B 15 7.24 -1.36 2.45
N ASN B 16 7.13 -2.63 2.09
CA ASN B 16 8.05 -3.23 1.14
C ASN B 16 7.85 -2.57 -0.22
N SER B 17 8.92 -2.38 -0.98
CA SER B 17 8.82 -1.75 -2.30
C SER B 17 8.72 -2.77 -3.41
N ARG B 18 8.62 -4.05 -3.08
CA ARG B 18 8.56 -5.11 -4.08
C ARG B 18 7.26 -5.95 -4.00
N PHE B 19 6.42 -5.67 -3.03
CA PHE B 19 5.15 -6.39 -2.85
C PHE B 19 4.35 -5.59 -1.82
N PRO B 20 3.02 -5.52 -1.93
CA PRO B 20 2.24 -4.63 -1.06
C PRO B 20 2.00 -5.14 0.38
N ILE B 21 3.06 -5.20 1.17
CA ILE B 21 3.02 -5.73 2.53
C ILE B 21 4.00 -4.91 3.39
N PRO B 22 3.75 -4.88 4.70
CA PRO B 22 4.64 -4.09 5.58
C PRO B 22 6.01 -4.68 5.71
N LEU B 23 7.00 -3.83 6.00
CA LEU B 23 8.29 -4.32 6.43
C LEU B 23 8.18 -4.98 7.78
N GLU B 24 9.05 -5.95 8.01
CA GLU B 24 9.13 -6.66 9.28
C GLU B 24 10.45 -6.45 10.00
N LYS B 25 11.56 -6.49 9.26
CA LYS B 25 12.85 -6.46 9.91
C LYS B 25 13.93 -6.03 8.97
N LEU B 26 15.10 -5.70 9.54
CA LEU B 26 16.32 -5.46 8.78
C LEU B 26 17.11 -6.75 8.73
N TYR B 27 17.67 -7.04 7.57
CA TYR B 27 18.40 -8.28 7.35
C TYR B 27 19.63 -8.01 6.49
N THR B 28 20.74 -8.62 6.87
CA THR B 28 21.88 -8.59 5.98
C THR B 28 22.32 -10.03 5.73
N GLY B 29 22.77 -10.31 4.53
CA GLY B 29 23.25 -11.63 4.20
C GLY B 29 24.10 -11.58 2.96
N PRO B 30 24.79 -12.68 2.66
CA PRO B 30 25.69 -12.73 1.49
C PRO B 30 24.90 -12.76 0.19
N SER B 31 25.47 -12.17 -0.85
CA SER B 31 24.76 -12.10 -2.13
C SER B 31 25.62 -12.53 -3.30
N SER B 32 26.77 -13.13 -3.02
CA SER B 32 27.67 -13.54 -4.10
C SER B 32 27.12 -14.70 -4.94
N ALA B 33 26.13 -15.43 -4.43
CA ALA B 33 25.51 -16.54 -5.18
C ALA B 33 24.39 -16.07 -6.12
N PHE B 34 24.00 -14.81 -5.97
CA PHE B 34 22.91 -14.23 -6.76
C PHE B 34 23.37 -13.06 -7.60
N VAL B 35 22.57 -12.72 -8.61
CA VAL B 35 22.62 -11.39 -9.19
C VAL B 35 21.47 -10.63 -8.55
N VAL B 36 21.78 -9.58 -7.79
CA VAL B 36 20.75 -8.81 -7.09
C VAL B 36 20.39 -7.65 -7.99
N GLN B 37 19.25 -7.78 -8.69
CA GLN B 37 18.90 -6.79 -9.69
C GLN B 37 17.39 -6.53 -9.69
N PRO B 38 16.83 -6.23 -8.51
CA PRO B 38 15.40 -5.97 -8.46
C PRO B 38 15.06 -4.72 -9.27
N GLN B 39 13.83 -4.65 -9.78
CA GLN B 39 13.44 -3.52 -10.62
C GLN B 39 12.44 -2.62 -9.93
N ASN B 40 11.80 -3.13 -8.88
CA ASN B 40 10.95 -2.31 -8.01
C ASN B 40 11.77 -1.89 -6.81
N GLY B 41 11.40 -0.76 -6.21
CA GLY B 41 12.16 -0.22 -5.12
C GLY B 41 13.51 0.31 -5.54
N ARG B 42 13.57 0.90 -6.73
CA ARG B 42 14.82 1.42 -7.27
C ARG B 42 14.69 2.90 -7.53
N CYS B 43 15.49 3.68 -6.82
CA CYS B 43 15.42 5.12 -6.89
C CYS B 43 16.75 5.67 -6.42
N THR B 44 17.30 6.65 -7.13
CA THR B 44 18.52 7.32 -6.65
C THR B 44 18.19 8.25 -5.48
N THR B 45 19.21 8.65 -4.73
CA THR B 45 18.94 9.51 -3.59
C THR B 45 18.49 10.92 -4.00
N ASP B 46 18.77 11.31 -5.24
CA ASP B 46 18.33 12.62 -5.71
C ASP B 46 17.02 12.50 -6.51
N GLY B 47 16.39 11.33 -6.43
CA GLY B 47 14.99 11.21 -6.80
C GLY B 47 14.68 10.73 -8.20
N VAL B 48 15.61 10.05 -8.85
CA VAL B 48 15.36 9.48 -10.16
C VAL B 48 14.91 8.03 -10.03
N LEU B 49 13.67 7.77 -10.42
CA LEU B 49 13.14 6.43 -10.40
C LEU B 49 13.80 5.58 -11.47
N LEU B 50 14.06 4.32 -11.11
CA LEU B 50 14.73 3.36 -11.99
C LEU B 50 13.89 2.12 -12.18
N GLY B 51 14.23 1.34 -13.20
CA GLY B 51 13.58 0.07 -13.44
C GLY B 51 12.08 0.19 -13.68
N THR B 52 11.28 -0.59 -12.95
CA THR B 52 9.82 -0.50 -13.02
C THR B 52 9.24 0.23 -11.79
N THR B 53 10.02 1.08 -11.14
CA THR B 53 9.59 1.63 -9.85
C THR B 53 8.59 2.76 -10.02
N GLN B 54 7.49 2.65 -9.28
CA GLN B 54 6.54 3.76 -9.17
C GLN B 54 6.34 4.11 -7.69
N LEU B 55 5.38 4.99 -7.36
CA LEU B 55 5.44 5.69 -6.08
C LEU B 55 4.59 5.14 -4.92
N SER B 56 3.66 4.22 -5.18
CA SER B 56 2.86 3.71 -4.06
C SER B 56 2.92 2.20 -3.97
N ALA B 57 3.04 1.70 -2.73
CA ALA B 57 3.11 0.27 -2.51
C ALA B 57 1.82 -0.43 -2.96
N VAL B 58 0.69 0.27 -2.92
CA VAL B 58 -0.55 -0.42 -3.25
C VAL B 58 -0.70 -0.81 -4.72
N ASN B 59 0.16 -0.31 -5.59
CA ASN B 59 0.12 -0.63 -7.01
C ASN B 59 1.05 -1.78 -7.41
N ILE B 60 1.89 -2.23 -6.50
CA ILE B 60 2.92 -3.21 -6.84
C ILE B 60 2.28 -4.56 -7.09
N CYS B 61 2.64 -5.21 -8.19
CA CYS B 61 2.13 -6.55 -8.55
C CYS B 61 0.62 -6.56 -8.75
N ASN B 62 0.04 -5.38 -9.02
CA ASN B 62 -1.35 -5.28 -9.45
C ASN B 62 -1.35 -5.32 -11.00
N PHE B 63 -2.42 -5.85 -11.60
CA PHE B 63 -2.57 -5.82 -13.07
C PHE B 63 -3.99 -5.38 -13.37
N ARG B 64 -4.15 -4.56 -14.41
CA ARG B 64 -5.46 -4.12 -14.87
C ARG B 64 -5.60 -4.34 -16.36
N GLY B 65 -6.82 -4.59 -16.84
CA GLY B 65 -7.03 -4.73 -18.26
C GLY B 65 -8.33 -5.43 -18.55
N ASP B 66 -8.49 -5.88 -19.79
CA ASP B 66 -9.63 -6.74 -20.16
C ASP B 66 -9.11 -8.14 -20.33
N VAL B 67 -9.99 -9.13 -20.15
CA VAL B 67 -9.57 -10.52 -20.20
C VAL B 67 -10.32 -11.31 -21.22
N THR B 68 -9.66 -12.36 -21.71
CA THR B 68 -10.23 -13.28 -22.71
C THR B 68 -9.82 -14.67 -22.32
N ARG B 69 -10.76 -15.59 -22.36
CA ARG B 69 -10.46 -16.97 -21.98
C ARG B 69 -9.53 -17.62 -22.99
N VAL B 70 -8.60 -18.41 -22.48
CA VAL B 70 -7.71 -19.18 -23.32
C VAL B 70 -8.42 -20.48 -23.69
N GLY B 71 -8.89 -20.57 -24.92
CA GLY B 71 -9.52 -21.79 -25.38
C GLY B 71 -10.75 -22.05 -24.52
N ILE B 72 -10.88 -23.27 -24.03
CA ILE B 72 -11.97 -23.61 -23.12
C ILE B 72 -11.40 -23.96 -21.73
N SER B 73 -10.23 -23.41 -21.42
CA SER B 73 -9.57 -23.65 -20.15
C SER B 73 -10.01 -22.69 -19.04
N HIS B 74 -9.42 -22.86 -17.87
CA HIS B 74 -9.62 -21.94 -16.76
C HIS B 74 -8.59 -20.80 -16.76
N ASP B 75 -7.83 -20.68 -17.84
CA ASP B 75 -6.83 -19.62 -17.98
C ASP B 75 -7.40 -18.44 -18.76
N TYR B 76 -6.98 -17.24 -18.40
CA TYR B 76 -7.41 -16.01 -19.05
C TYR B 76 -6.20 -15.16 -19.37
N THR B 77 -6.23 -14.61 -20.57
CA THR B 77 -5.26 -13.60 -20.99
C THR B 77 -5.75 -12.23 -20.62
N MET B 78 -4.92 -11.45 -19.91
CA MET B 78 -5.23 -10.06 -19.68
C MET B 78 -4.40 -9.18 -20.61
N ASN B 79 -5.09 -8.33 -21.33
CA ASN B 79 -4.50 -7.30 -22.17
C ASN B 79 -4.40 -6.05 -21.31
N LEU B 80 -3.18 -5.71 -20.93
CA LEU B 80 -2.92 -4.74 -19.88
C LEU B 80 -3.23 -3.32 -20.28
N VAL B 81 -3.69 -2.56 -19.29
CA VAL B 81 -3.82 -1.12 -19.40
C VAL B 81 -3.01 -0.49 -18.25
N SER B 82 -2.89 0.83 -18.25
CA SER B 82 -2.19 1.50 -17.17
C SER B 82 -3.00 1.56 -15.88
N GLN B 83 -2.39 2.07 -14.81
CA GLN B 83 -3.01 2.13 -13.50
C GLN B 83 -4.32 2.91 -13.52
N ASN B 84 -4.38 3.96 -14.32
CA ASN B 84 -5.58 4.78 -14.40
C ASN B 84 -6.52 4.37 -15.53
N TRP B 85 -6.31 3.15 -16.04
CA TRP B 85 -7.15 2.49 -17.08
C TRP B 85 -6.93 3.05 -18.50
N ASN B 86 -5.96 3.94 -18.67
CA ASN B 86 -5.60 4.40 -20.02
C ASN B 86 -4.70 3.37 -20.70
N ASN B 87 -4.55 3.45 -22.01
CA ASN B 87 -3.81 2.43 -22.76
C ASN B 87 -2.35 2.33 -22.28
N TYR B 88 -1.80 1.13 -22.29
CA TYR B 88 -0.39 0.93 -21.93
C TYR B 88 0.46 1.05 -23.19
N ASP B 89 1.57 1.79 -23.10
CA ASP B 89 2.46 2.05 -24.24
C ASP B 89 3.74 1.20 -24.16
N PRO B 90 3.85 0.17 -25.01
CA PRO B 90 5.03 -0.72 -24.94
C PRO B 90 6.32 -0.06 -25.41
N THR B 91 6.25 1.15 -25.95
CA THR B 91 7.45 1.83 -26.47
C THR B 91 8.12 2.74 -25.43
N GLU B 92 7.51 2.91 -24.26
CA GLU B 92 8.15 3.63 -23.16
C GLU B 92 9.47 2.92 -22.78
N GLU B 93 10.50 3.70 -22.43
CA GLU B 93 11.84 3.16 -22.17
C GLU B 93 11.96 2.60 -20.75
N ILE B 94 11.17 1.57 -20.48
CA ILE B 94 11.17 0.87 -19.20
C ILE B 94 11.12 -0.63 -19.46
N PRO B 95 11.48 -1.44 -18.46
CA PRO B 95 11.52 -2.89 -18.74
C PRO B 95 10.17 -3.53 -18.93
N ALA B 96 9.15 -2.90 -18.35
CA ALA B 96 7.83 -3.46 -18.23
C ALA B 96 6.98 -2.37 -17.58
N PRO B 97 5.66 -2.51 -17.57
CA PRO B 97 4.84 -1.52 -16.88
C PRO B 97 5.29 -1.30 -15.42
N LEU B 98 5.20 -0.07 -14.96
CA LEU B 98 5.64 0.19 -13.61
C LEU B 98 4.86 -0.66 -12.63
N GLY B 99 5.57 -1.25 -11.67
CA GLY B 99 4.92 -2.07 -10.66
C GLY B 99 4.86 -3.56 -11.00
N THR B 100 5.27 -3.93 -12.22
CA THR B 100 5.32 -5.32 -12.64
C THR B 100 6.15 -6.15 -11.65
N PRO B 101 5.70 -7.37 -11.29
CA PRO B 101 6.56 -8.22 -10.44
C PRO B 101 7.97 -8.35 -10.97
N ASP B 102 8.96 -8.32 -10.08
CA ASP B 102 10.36 -8.40 -10.51
C ASP B 102 11.04 -9.67 -10.00
N PHE B 103 10.26 -10.71 -9.81
CA PHE B 103 10.79 -12.02 -9.45
C PHE B 103 10.03 -13.14 -10.12
N VAL B 104 10.67 -14.30 -10.23
CA VAL B 104 10.05 -15.46 -10.83
C VAL B 104 9.33 -16.24 -9.74
N GLY B 105 8.04 -16.40 -9.92
CA GLY B 105 7.27 -17.15 -8.98
C GLY B 105 5.81 -17.09 -9.37
N LYS B 106 5.02 -17.76 -8.56
CA LYS B 106 3.56 -17.85 -8.76
C LYS B 106 2.86 -17.04 -7.67
N ILE B 107 2.24 -15.96 -8.12
CA ILE B 107 1.56 -15.03 -7.24
C ILE B 107 0.07 -15.30 -7.29
N GLN B 108 -0.50 -15.56 -6.12
CA GLN B 108 -1.94 -15.77 -6.01
C GLN B 108 -2.64 -14.53 -5.47
N GLY B 109 -3.83 -14.32 -5.99
CA GLY B 109 -4.64 -13.20 -5.55
C GLY B 109 -6.07 -13.40 -6.00
N LEU B 110 -6.82 -12.29 -6.13
CA LEU B 110 -8.17 -12.32 -6.67
C LEU B 110 -8.19 -11.51 -7.93
N LEU B 111 -8.83 -12.05 -8.94
CA LEU B 111 -9.14 -11.36 -10.17
C LEU B 111 -10.58 -10.88 -10.06
N THR B 112 -10.79 -9.56 -10.11
CA THR B 112 -12.10 -8.93 -9.90
C THR B 112 -12.53 -8.21 -11.17
N GLN B 113 -13.85 -8.11 -11.37
CA GLN B 113 -14.35 -7.49 -12.58
C GLN B 113 -15.65 -6.79 -12.29
N THR B 114 -15.85 -5.64 -12.93
CA THR B 114 -17.10 -4.90 -12.91
C THR B 114 -17.63 -4.82 -14.33
N THR B 115 -18.93 -5.01 -14.49
CA THR B 115 -19.62 -4.79 -15.76
C THR B 115 -20.20 -3.36 -15.69
N ARG B 116 -19.62 -2.43 -16.43
CA ARG B 116 -19.96 -1.00 -16.29
C ARG B 116 -21.44 -0.75 -16.56
N ALA B 117 -22.02 -1.48 -17.51
CA ALA B 117 -23.39 -1.21 -17.96
C ALA B 117 -24.41 -1.39 -16.84
N ASP B 118 -24.20 -2.34 -15.94
CA ASP B 118 -25.19 -2.59 -14.90
C ASP B 118 -24.63 -2.63 -13.48
N GLY B 119 -23.33 -2.36 -13.34
CA GLY B 119 -22.71 -2.30 -12.03
C GLY B 119 -22.53 -3.65 -11.37
N SER B 120 -22.70 -4.75 -12.11
CA SER B 120 -22.55 -6.08 -11.51
C SER B 120 -21.05 -6.39 -11.39
N THR B 121 -20.72 -7.24 -10.42
CA THR B 121 -19.33 -7.51 -10.09
C THR B 121 -19.13 -8.97 -9.82
N ARG B 122 -17.87 -9.39 -9.89
CA ARG B 122 -17.49 -10.80 -9.68
C ARG B 122 -16.03 -10.89 -9.34
N ALA B 123 -15.62 -11.98 -8.69
CA ALA B 123 -14.22 -12.14 -8.32
C ALA B 123 -13.92 -13.62 -8.19
N HIS B 124 -12.73 -14.00 -8.62
CA HIS B 124 -12.29 -15.39 -8.57
C HIS B 124 -10.84 -15.49 -8.17
N LYS B 125 -10.48 -16.55 -7.46
CA LYS B 125 -9.09 -16.78 -7.15
C LYS B 125 -8.32 -16.97 -8.43
N ALA B 126 -7.11 -16.44 -8.46
CA ALA B 126 -6.31 -16.49 -9.67
C ALA B 126 -4.85 -16.50 -9.33
N THR B 127 -4.05 -17.10 -10.21
CA THR B 127 -2.60 -17.16 -10.05
CA THR B 127 -2.61 -17.10 -10.02
C THR B 127 -1.93 -16.67 -11.30
N VAL B 128 -0.87 -15.87 -11.17
CA VAL B 128 -0.02 -15.52 -12.30
C VAL B 128 1.35 -16.12 -12.07
N SER B 129 1.83 -16.87 -13.07
CA SER B 129 3.15 -17.48 -13.02
C SER B 129 4.11 -16.60 -13.80
N THR B 130 5.02 -15.93 -13.11
CA THR B 130 5.80 -14.92 -13.81
C THR B 130 6.98 -15.55 -14.59
N GLY B 131 7.22 -16.84 -14.41
CA GLY B 131 8.24 -17.57 -15.16
C GLY B 131 7.67 -18.25 -16.40
N SER B 132 6.37 -18.12 -16.59
CA SER B 132 5.67 -18.65 -17.76
C SER B 132 6.05 -17.95 -19.06
N VAL B 133 6.06 -18.69 -20.17
CA VAL B 133 6.26 -18.08 -21.47
C VAL B 133 5.14 -17.09 -21.82
N HIS B 134 3.99 -17.21 -21.15
CA HIS B 134 2.87 -16.29 -21.38
C HIS B 134 2.91 -15.04 -20.49
N PHE B 135 3.91 -14.94 -19.63
CA PHE B 135 4.13 -13.72 -18.86
C PHE B 135 4.87 -12.74 -19.74
N THR B 136 4.14 -11.88 -20.45
CA THR B 136 4.76 -10.96 -21.39
C THR B 136 4.28 -9.53 -21.16
N PRO B 137 4.44 -9.03 -19.93
CA PRO B 137 3.92 -7.69 -19.64
C PRO B 137 4.50 -6.58 -20.49
N LYS B 138 5.74 -6.71 -20.93
CA LYS B 138 6.33 -5.65 -21.74
C LYS B 138 5.62 -5.59 -23.09
N LEU B 139 5.10 -6.73 -23.54
CA LEU B 139 4.34 -6.79 -24.80
C LEU B 139 2.89 -6.40 -24.60
N GLY B 140 2.43 -6.37 -23.36
CA GLY B 140 1.11 -5.90 -23.04
C GLY B 140 0.15 -6.98 -22.59
N SER B 141 0.64 -8.20 -22.34
CA SER B 141 -0.27 -9.24 -21.85
C SER B 141 0.35 -10.20 -20.84
N VAL B 142 -0.49 -10.69 -19.95
CA VAL B 142 -0.12 -11.75 -19.02
C VAL B 142 -1.29 -12.72 -18.95
N GLN B 143 -0.99 -13.92 -18.52
CA GLN B 143 -1.97 -14.97 -18.39
C GLN B 143 -2.15 -15.38 -16.94
N PHE B 144 -3.42 -15.56 -16.55
CA PHE B 144 -3.81 -15.98 -15.21
C PHE B 144 -4.43 -17.36 -15.28
N THR B 145 -4.15 -18.21 -14.31
CA THR B 145 -4.96 -19.39 -14.07
C THR B 145 -6.01 -19.09 -13.01
N THR B 146 -7.27 -19.36 -13.29
CA THR B 146 -8.35 -18.97 -12.38
C THR B 146 -9.17 -20.16 -11.94
N ASP B 147 -10.09 -19.92 -11.02
CA ASP B 147 -10.98 -20.99 -10.57
C ASP B 147 -12.29 -21.05 -11.37
N THR B 148 -12.35 -20.31 -12.48
CA THR B 148 -13.56 -20.35 -13.34
C THR B 148 -13.16 -20.56 -14.80
N ASN B 149 -14.08 -21.13 -15.57
CA ASN B 149 -13.87 -21.18 -17.02
C ASN B 149 -14.97 -20.47 -17.79
N ASN B 150 -15.84 -19.70 -17.12
CA ASN B 150 -16.97 -19.07 -17.80
CA ASN B 150 -16.79 -18.91 -17.92
C ASN B 150 -17.51 -17.76 -17.23
N ASP B 151 -17.03 -17.33 -16.07
CA ASP B 151 -17.71 -16.21 -15.42
C ASP B 151 -17.22 -14.83 -15.88
N PHE B 152 -15.98 -14.73 -16.35
CA PHE B 152 -15.46 -13.43 -16.75
C PHE B 152 -15.95 -13.00 -18.12
N GLN B 153 -16.38 -11.75 -18.19
CA GLN B 153 -16.90 -11.17 -19.41
C GLN B 153 -15.78 -10.47 -20.19
N THR B 154 -15.90 -10.48 -21.52
CA THR B 154 -14.96 -9.75 -22.36
C THR B 154 -15.27 -8.24 -22.39
N GLY B 155 -14.24 -7.45 -22.63
CA GLY B 155 -14.35 -6.01 -22.74
C GLY B 155 -14.67 -5.27 -21.46
N GLN B 156 -14.63 -5.94 -20.31
CA GLN B 156 -14.91 -5.28 -19.05
C GLN B 156 -13.65 -5.06 -18.24
N ASN B 157 -13.61 -3.98 -17.46
CA ASN B 157 -12.48 -3.69 -16.60
C ASN B 157 -12.26 -4.76 -15.55
N THR B 158 -11.02 -5.26 -15.52
CA THR B 158 -10.68 -6.40 -14.67
C THR B 158 -9.38 -6.07 -13.92
N LYS B 159 -9.30 -6.42 -12.64
CA LYS B 159 -8.12 -6.08 -11.85
C LYS B 159 -7.64 -7.33 -11.12
N PHE B 160 -6.33 -7.54 -11.11
CA PHE B 160 -5.72 -8.55 -10.22
C PHE B 160 -5.13 -7.87 -8.99
N THR B 161 -5.57 -8.32 -7.82
CA THR B 161 -5.02 -7.87 -6.55
C THR B 161 -4.20 -9.00 -5.98
N PRO B 162 -2.90 -8.77 -5.80
CA PRO B 162 -2.01 -9.82 -5.29
C PRO B 162 -2.19 -10.04 -3.79
N VAL B 163 -2.01 -11.27 -3.33
CA VAL B 163 -2.09 -11.56 -1.90
C VAL B 163 -0.81 -12.23 -1.41
N GLY B 164 -0.35 -13.23 -2.16
CA GLY B 164 0.77 -14.02 -1.68
C GLY B 164 1.33 -14.91 -2.74
N VAL B 165 2.09 -15.92 -2.33
CA VAL B 165 2.80 -16.78 -3.27
C VAL B 165 2.52 -18.24 -2.98
N ILE B 166 2.67 -19.05 -4.02
CA ILE B 166 2.48 -20.50 -3.91
C ILE B 166 3.68 -21.25 -4.40
N GLN B 167 3.71 -22.52 -4.05
CA GLN B 167 4.79 -23.41 -4.42
C GLN B 167 4.19 -24.76 -4.74
N ASP B 168 4.82 -25.47 -5.68
CA ASP B 168 4.43 -26.83 -6.06
C ASP B 168 5.69 -27.69 -6.22
N GLY B 169 5.61 -28.95 -5.81
CA GLY B 169 6.71 -29.88 -5.98
C GLY B 169 7.32 -30.35 -4.67
N ASP B 170 8.12 -31.41 -4.75
CA ASP B 170 8.70 -32.01 -3.54
C ASP B 170 9.89 -31.26 -2.98
N HIS B 171 10.46 -30.34 -3.76
CA HIS B 171 11.57 -29.53 -3.27
C HIS B 171 11.02 -28.29 -2.58
N HIS B 172 10.86 -28.37 -1.26
CA HIS B 172 10.26 -27.28 -0.49
C HIS B 172 11.10 -26.00 -0.52
N GLN B 173 10.38 -24.89 -0.58
CA GLN B 173 10.94 -23.53 -0.61
C GLN B 173 11.81 -23.28 -1.85
N ASN B 174 11.55 -24.00 -2.94
CA ASN B 174 12.28 -23.83 -4.19
C ASN B 174 11.77 -22.67 -5.03
N GLU B 175 10.59 -22.16 -4.67
CA GLU B 175 10.04 -20.99 -5.33
C GLU B 175 9.20 -20.22 -4.31
N PRO B 176 8.96 -18.91 -4.55
CA PRO B 176 9.55 -18.07 -5.58
C PRO B 176 11.07 -17.93 -5.47
N GLN B 177 11.63 -17.33 -6.50
CA GLN B 177 13.06 -17.03 -6.58
C GLN B 177 13.19 -15.53 -6.68
N GLN B 178 13.38 -14.90 -5.53
CA GLN B 178 13.22 -13.47 -5.45
C GLN B 178 14.31 -12.73 -6.20
N TRP B 179 15.45 -13.39 -6.49
CA TRP B 179 16.51 -12.68 -7.19
C TRP B 179 16.66 -13.10 -8.66
N VAL B 180 15.66 -13.80 -9.17
CA VAL B 180 15.65 -14.14 -10.61
C VAL B 180 14.60 -13.27 -11.29
N LEU B 181 15.04 -12.42 -12.21
CA LEU B 181 14.10 -11.59 -12.96
C LEU B 181 13.29 -12.40 -13.95
N PRO B 182 12.02 -12.06 -14.09
CA PRO B 182 11.27 -12.62 -15.22
C PRO B 182 11.81 -12.11 -16.55
N ASN B 183 11.39 -12.78 -17.61
CA ASN B 183 11.59 -12.31 -18.97
C ASN B 183 10.35 -11.53 -19.35
N TYR B 184 10.44 -10.21 -19.30
CA TYR B 184 9.26 -9.39 -19.43
C TYR B 184 8.63 -9.44 -20.83
N SER B 185 9.42 -9.83 -21.85
CA SER B 185 8.84 -10.06 -23.19
C SER B 185 8.79 -11.56 -23.54
N GLY B 186 8.85 -12.42 -22.54
CA GLY B 186 8.80 -13.85 -22.77
C GLY B 186 9.96 -14.32 -23.63
N THR B 187 9.67 -15.17 -24.61
CA THR B 187 10.72 -15.70 -25.49
C THR B 187 11.04 -14.74 -26.66
N SER B 188 10.29 -13.65 -26.78
CA SER B 188 10.40 -12.73 -27.93
C SER B 188 11.64 -11.87 -27.94
N GLY B 189 12.14 -11.52 -26.77
CA GLY B 189 13.26 -10.62 -26.70
C GLY B 189 13.82 -10.57 -25.30
N HIS B 190 15.04 -10.07 -25.20
CA HIS B 190 15.72 -9.93 -23.93
C HIS B 190 15.17 -8.73 -23.15
N ASN B 191 15.38 -8.72 -21.85
CA ASN B 191 14.96 -7.59 -21.06
C ASN B 191 15.73 -6.33 -21.44
N VAL B 192 15.05 -5.19 -21.35
CA VAL B 192 15.64 -3.91 -21.67
C VAL B 192 15.45 -2.87 -20.58
N HIS B 193 16.32 -1.86 -20.58
CA HIS B 193 16.18 -0.69 -19.70
C HIS B 193 16.18 -1.02 -18.21
N LEU B 194 16.93 -2.04 -17.82
CA LEU B 194 16.94 -2.51 -16.44
C LEU B 194 17.68 -1.56 -15.51
N ALA B 195 17.20 -1.45 -14.28
CA ALA B 195 18.01 -0.91 -13.21
C ALA B 195 19.20 -1.86 -13.04
N PRO B 196 20.39 -1.32 -12.76
CA PRO B 196 21.58 -2.19 -12.73
C PRO B 196 21.60 -3.13 -11.53
N ALA B 197 22.37 -4.21 -11.68
CA ALA B 197 22.61 -5.12 -10.57
C ALA B 197 23.43 -4.39 -9.50
N VAL B 198 23.25 -4.79 -8.24
CA VAL B 198 23.99 -4.17 -7.15
C VAL B 198 24.76 -5.23 -6.41
N ALA B 199 25.92 -4.84 -5.90
CA ALA B 199 26.75 -5.75 -5.15
C ALA B 199 27.65 -4.97 -4.23
N PRO B 200 27.95 -5.54 -3.07
CA PRO B 200 29.01 -4.89 -2.30
C PRO B 200 30.34 -5.14 -2.99
N THR B 201 31.24 -4.18 -2.97
CA THR B 201 32.59 -4.39 -3.50
C THR B 201 33.64 -4.19 -2.42
N PHE B 202 33.29 -3.45 -1.39
CA PHE B 202 34.24 -3.07 -0.35
C PHE B 202 34.43 -4.23 0.60
N PRO B 203 35.68 -4.53 1.00
CA PRO B 203 35.94 -5.70 1.85
C PRO B 203 35.18 -5.67 3.16
N GLY B 204 34.50 -6.76 3.44
CA GLY B 204 33.78 -6.92 4.68
C GLY B 204 32.35 -6.40 4.61
N GLU B 205 31.91 -5.95 3.44
CA GLU B 205 30.57 -5.37 3.34
C GLU B 205 29.58 -6.33 2.71
N GLN B 206 28.33 -6.15 3.12
CA GLN B 206 27.16 -6.82 2.56
C GLN B 206 26.08 -5.79 2.31
N LEU B 207 25.13 -6.13 1.46
CA LEU B 207 23.91 -5.36 1.35
C LEU B 207 23.09 -5.42 2.62
N LEU B 208 22.41 -4.33 2.93
CA LEU B 208 21.39 -4.31 3.96
C LEU B 208 20.02 -4.34 3.27
N PHE B 209 19.20 -5.28 3.70
CA PHE B 209 17.89 -5.47 3.11
C PHE B 209 16.81 -5.09 4.10
N PHE B 210 15.72 -4.59 3.55
CA PHE B 210 14.50 -4.42 4.27
C PHE B 210 13.61 -5.60 3.95
N ARG B 211 13.35 -6.42 4.96
CA ARG B 211 12.76 -7.75 4.76
C ARG B 211 11.30 -7.88 5.23
N SER B 212 10.50 -8.55 4.42
CA SER B 212 9.12 -8.89 4.75
C SER B 212 8.91 -10.37 4.57
N THR B 213 7.80 -10.86 5.09
CA THR B 213 7.39 -12.24 4.85
C THR B 213 6.11 -12.21 4.03
N MET B 214 6.19 -12.67 2.80
CA MET B 214 5.02 -12.76 1.95
C MET B 214 4.06 -13.80 2.48
N PRO B 215 2.76 -13.51 2.45
CA PRO B 215 1.80 -14.57 2.73
C PRO B 215 1.98 -15.73 1.76
N GLY B 216 1.80 -16.93 2.30
CA GLY B 216 1.80 -18.13 1.50
C GLY B 216 0.38 -18.63 1.30
N CYS B 217 0.10 -19.10 0.09
CA CYS B 217 -1.27 -19.45 -0.27
C CYS B 217 -1.47 -20.91 -0.66
N SER B 218 -0.38 -21.66 -0.81
CA SER B 218 -0.46 -23.08 -1.14
C SER B 218 0.95 -23.65 -1.19
N GLY B 219 1.10 -24.90 -0.76
CA GLY B 219 2.39 -25.54 -0.84
C GLY B 219 3.36 -25.04 0.23
N TYR B 220 4.63 -25.06 -0.14
CA TYR B 220 5.74 -24.77 0.76
C TYR B 220 6.62 -23.68 0.18
N PRO B 221 6.07 -22.47 0.02
CA PRO B 221 6.84 -21.40 -0.63
C PRO B 221 7.96 -20.82 0.21
N ASN B 222 8.97 -20.30 -0.48
CA ASN B 222 9.95 -19.42 0.17
C ASN B 222 9.31 -18.04 0.27
N MET B 223 8.98 -17.63 1.50
CA MET B 223 8.22 -16.40 1.69
C MET B 223 9.09 -15.16 1.99
N ASN B 224 10.42 -15.29 1.95
CA ASN B 224 11.28 -14.14 2.22
C ASN B 224 11.23 -13.17 1.06
N LEU B 225 11.06 -11.88 1.35
CA LEU B 225 11.15 -10.86 0.32
C LEU B 225 11.89 -9.65 0.82
N ASP B 226 13.03 -9.44 0.19
CA ASP B 226 13.96 -8.38 0.52
C ASP B 226 13.89 -7.24 -0.47
N CYS B 227 13.75 -6.01 0.01
CA CYS B 227 13.91 -4.87 -0.87
C CYS B 227 15.11 -4.00 -0.47
N LEU B 228 15.55 -3.19 -1.43
CA LEU B 228 16.75 -2.37 -1.21
C LEU B 228 16.43 -1.05 -0.52
N LEU B 229 15.20 -0.59 -0.69
CA LEU B 229 14.72 0.70 -0.18
C LEU B 229 13.26 0.51 0.22
N PRO B 230 12.86 1.00 1.40
CA PRO B 230 11.42 1.01 1.67
C PRO B 230 10.67 1.87 0.67
N GLN B 231 9.39 1.56 0.45
CA GLN B 231 8.63 2.35 -0.50
C GLN B 231 8.56 3.83 -0.07
N GLU B 232 8.51 4.10 1.24
CA GLU B 232 8.44 5.46 1.74
C GLU B 232 9.73 6.24 1.44
N TRP B 233 10.86 5.53 1.32
CA TRP B 233 12.10 6.19 0.99
C TRP B 233 12.11 6.58 -0.48
N VAL B 234 11.61 5.69 -1.33
CA VAL B 234 11.45 6.01 -2.75
C VAL B 234 10.63 7.29 -2.92
N SER B 235 9.48 7.33 -2.25
CA SER B 235 8.63 8.50 -2.44
CA SER B 235 8.60 8.48 -2.35
C SER B 235 9.26 9.76 -1.81
N HIS B 236 10.01 9.60 -0.72
CA HIS B 236 10.73 10.72 -0.12
C HIS B 236 11.78 11.29 -1.07
N PHE B 237 12.61 10.43 -1.63
CA PHE B 237 13.68 10.93 -2.48
C PHE B 237 13.10 11.57 -3.74
N TYR B 238 12.06 10.96 -4.28
CA TYR B 238 11.41 11.48 -5.49
C TYR B 238 10.91 12.89 -5.28
N GLN B 239 10.29 13.13 -4.14
CA GLN B 239 9.74 14.44 -3.81
C GLN B 239 10.79 15.47 -3.47
N GLU B 240 11.77 15.06 -2.67
CA GLU B 240 12.74 16.01 -2.18
C GLU B 240 13.72 16.39 -3.28
N ALA B 241 14.14 15.40 -4.05
CA ALA B 241 15.14 15.56 -5.11
C ALA B 241 16.33 16.40 -4.62
N ALA B 242 16.88 16.02 -3.47
CA ALA B 242 17.99 16.73 -2.88
C ALA B 242 19.23 16.28 -3.61
N PRO B 243 20.09 17.23 -4.03
CA PRO B 243 21.22 16.77 -4.83
C PRO B 243 22.22 15.96 -4.02
N ALA B 244 22.81 14.97 -4.66
CA ALA B 244 23.79 14.13 -3.99
C ALA B 244 25.12 14.84 -4.01
N GLN B 245 25.67 15.12 -2.83
CA GLN B 245 26.89 15.90 -2.74
CA GLN B 245 26.89 15.91 -2.79
C GLN B 245 28.14 15.05 -2.85
N SER B 246 27.96 13.73 -2.77
CA SER B 246 29.04 12.75 -2.96
C SER B 246 28.39 11.41 -3.33
N ASP B 247 29.22 10.38 -3.46
CA ASP B 247 28.76 9.07 -3.90
C ASP B 247 27.95 8.31 -2.88
N VAL B 248 28.14 8.65 -1.62
CA VAL B 248 27.58 7.87 -0.51
C VAL B 248 27.09 8.75 0.59
N ALA B 249 25.91 8.43 1.11
CA ALA B 249 25.38 9.09 2.30
C ALA B 249 25.58 8.17 3.49
N LEU B 250 26.28 8.67 4.50
CA LEU B 250 26.49 7.94 5.73
C LEU B 250 25.26 8.07 6.60
N LEU B 251 24.66 6.96 6.94
CA LEU B 251 23.52 6.94 7.84
C LEU B 251 23.88 6.27 9.16
N ARG B 252 23.29 6.78 10.24
CA ARG B 252 23.38 6.15 11.54
C ARG B 252 21.97 5.70 11.93
N PHE B 253 21.85 4.48 12.45
CA PHE B 253 20.58 4.01 12.98
C PHE B 253 20.59 4.27 14.48
N VAL B 254 19.64 5.04 14.92
CA VAL B 254 19.64 5.63 16.24
C VAL B 254 18.43 5.20 17.06
N ASN B 255 18.65 5.00 18.34
CA ASN B 255 17.55 4.80 19.29
C ASN B 255 17.22 6.15 19.89
N PRO B 256 16.05 6.71 19.56
CA PRO B 256 15.74 8.04 20.08
C PRO B 256 15.46 8.05 21.57
N ASP B 257 15.28 6.88 22.18
CA ASP B 257 15.09 6.79 23.62
C ASP B 257 16.36 7.25 24.34
N THR B 258 17.50 6.75 23.85
CA THR B 258 18.81 6.99 24.44
C THR B 258 19.66 7.97 23.63
N GLY B 259 19.29 8.18 22.37
CA GLY B 259 20.12 8.92 21.44
C GLY B 259 21.35 8.13 21.01
N ARG B 260 21.49 6.88 21.48
CA ARG B 260 22.65 6.07 21.11
C ARG B 260 22.54 5.48 19.68
N VAL B 261 23.68 5.45 18.99
CA VAL B 261 23.78 4.83 17.67
C VAL B 261 23.93 3.34 17.78
N LEU B 262 23.10 2.59 17.05
CA LEU B 262 23.17 1.14 17.11
C LEU B 262 24.13 0.61 16.06
N PHE B 263 24.05 1.16 14.86
CA PHE B 263 24.99 0.82 13.78
C PHE B 263 25.02 1.94 12.74
N GLU B 264 26.01 1.88 11.84
CA GLU B 264 26.06 2.82 10.73
C GLU B 264 26.14 2.07 9.42
N CYS B 265 25.76 2.76 8.35
CA CYS B 265 25.68 2.13 7.05
C CYS B 265 25.88 3.16 5.96
N LYS B 266 26.09 2.65 4.76
CA LYS B 266 26.40 3.49 3.60
C LYS B 266 25.25 3.45 2.61
N LEU B 267 24.58 4.58 2.41
CA LEU B 267 23.53 4.65 1.39
C LEU B 267 24.15 5.19 0.12
N HIS B 268 24.33 4.31 -0.84
CA HIS B 268 24.92 4.67 -2.12
C HIS B 268 23.95 5.52 -2.92
N LYS B 269 24.46 6.50 -3.62
CA LYS B 269 23.59 7.45 -4.26
C LYS B 269 22.69 6.80 -5.30
N SER B 270 23.08 5.64 -5.82
CA SER B 270 22.25 4.97 -6.82
C SER B 270 21.15 4.13 -6.16
N GLY B 271 21.08 4.16 -4.84
CA GLY B 271 19.90 3.71 -4.11
C GLY B 271 19.94 2.32 -3.51
N TYR B 272 20.99 2.03 -2.76
CA TYR B 272 21.07 0.79 -2.00
C TYR B 272 22.03 0.99 -0.83
N ILE B 273 21.90 0.15 0.17
CA ILE B 273 22.66 0.30 1.43
C ILE B 273 23.63 -0.86 1.64
N THR B 274 24.84 -0.55 2.10
CA THR B 274 25.75 -1.61 2.54
C THR B 274 26.11 -1.38 4.01
N VAL B 275 26.48 -2.48 4.66
CA VAL B 275 26.88 -2.52 6.05
C VAL B 275 28.11 -3.39 6.14
N ALA B 276 28.90 -3.19 7.19
CA ALA B 276 30.09 -4.01 7.42
C ALA B 276 29.72 -5.22 8.25
N HIS B 277 29.37 -6.30 7.56
CA HIS B 277 29.03 -7.59 8.16
C HIS B 277 29.22 -8.69 7.14
N THR B 278 29.49 -9.90 7.63
CA THR B 278 29.57 -11.10 6.81
C THR B 278 28.70 -12.19 7.40
N GLY B 279 27.86 -12.78 6.57
CA GLY B 279 26.97 -13.86 6.97
C GLY B 279 25.53 -13.39 7.14
N PRO B 280 24.59 -14.34 7.23
CA PRO B 280 23.18 -14.04 7.48
C PRO B 280 22.96 -13.51 8.88
N TYR B 281 22.21 -12.42 8.99
CA TYR B 281 21.99 -11.79 10.28
C TYR B 281 20.70 -10.97 10.28
N ASP B 282 19.77 -11.33 11.16
CA ASP B 282 18.62 -10.47 11.48
C ASP B 282 19.06 -9.44 12.50
N LEU B 283 19.06 -8.17 12.14
CA LEU B 283 19.54 -7.13 13.04
C LEU B 283 18.67 -7.03 14.27
N VAL B 284 19.32 -6.88 15.42
CA VAL B 284 18.65 -6.67 16.71
C VAL B 284 18.45 -5.19 16.96
N ILE B 285 17.20 -4.72 16.85
CA ILE B 285 16.91 -3.29 16.93
C ILE B 285 15.71 -3.00 17.84
N PRO B 286 15.73 -1.83 18.48
CA PRO B 286 14.55 -1.37 19.25
C PRO B 286 13.48 -0.91 18.28
N PRO B 287 12.20 -1.07 18.65
CA PRO B 287 11.12 -0.79 17.70
C PRO B 287 10.98 0.69 17.32
N ASN B 288 11.57 1.61 18.08
CA ASN B 288 11.50 3.04 17.78
C ASN B 288 12.75 3.55 17.05
N GLY B 289 13.65 2.64 16.69
CA GLY B 289 14.89 3.00 16.02
C GLY B 289 14.59 3.57 14.64
N TYR B 290 15.41 4.51 14.19
CA TYR B 290 15.25 5.06 12.85
C TYR B 290 16.61 5.48 12.31
N PHE B 291 16.66 5.66 11.01
CA PHE B 291 17.85 6.08 10.28
C PHE B 291 17.97 7.59 10.21
N ARG B 292 19.20 8.06 10.33
CA ARG B 292 19.51 9.49 10.32
C ARG B 292 20.70 9.74 9.41
N PHE B 293 20.54 10.65 8.46
CA PHE B 293 21.65 11.04 7.60
C PHE B 293 22.62 11.92 8.35
N ASP B 294 23.90 11.55 8.29
CA ASP B 294 24.89 12.31 9.03
C ASP B 294 25.92 13.03 8.16
N SER B 295 26.39 12.44 7.07
CA SER B 295 27.46 13.07 6.28
CA SER B 295 27.33 13.15 6.22
C SER B 295 27.57 12.47 4.89
N TRP B 296 28.02 13.29 3.93
CA TRP B 296 28.34 12.83 2.61
C TRP B 296 29.75 12.27 2.66
N VAL B 297 29.93 11.04 2.21
CA VAL B 297 31.24 10.39 2.25
C VAL B 297 31.53 9.70 0.91
N ASN B 298 32.55 8.85 0.84
CA ASN B 298 32.81 8.17 -0.45
C ASN B 298 32.68 6.65 -0.39
N GLN B 299 32.83 5.99 -1.54
CA GLN B 299 32.62 4.55 -1.64
C GLN B 299 33.55 3.75 -0.76
N PHE B 300 34.68 4.35 -0.38
CA PHE B 300 35.69 3.62 0.38
C PHE B 300 35.63 3.89 1.87
N TYR B 301 34.59 4.56 2.31
CA TYR B 301 34.44 4.82 3.74
C TYR B 301 34.36 3.50 4.51
N THR B 302 35.19 3.36 5.55
CA THR B 302 35.24 2.13 6.32
C THR B 302 34.32 2.28 7.51
N LEU B 303 33.23 1.52 7.48
CA LEU B 303 32.24 1.57 8.56
C LEU B 303 32.69 0.90 9.83
N ALA B 304 32.20 1.40 10.95
CA ALA B 304 32.24 0.64 12.19
C ALA B 304 31.55 -0.69 11.94
N PRO B 305 32.19 -1.81 12.32
CA PRO B 305 31.61 -3.13 12.05
C PRO B 305 30.27 -3.33 12.72
N MET B 306 29.35 -3.95 12.00
CA MET B 306 28.06 -4.26 12.60
C MET B 306 28.23 -5.11 13.87
C1 EDO C . -4.70 7.25 17.25
O1 EDO C . -6.05 7.61 17.53
C2 EDO C . -4.45 6.88 15.80
O2 EDO C . -3.09 6.44 15.70
C1 EDO D . -3.80 14.02 -11.25
O1 EDO D . -2.98 12.87 -10.98
C2 EDO D . -3.02 15.29 -10.96
O2 EDO D . -2.91 15.49 -9.55
C1 EDO E . -17.41 24.75 -12.05
O1 EDO E . -17.44 25.90 -12.90
C2 EDO E . -16.22 24.81 -11.09
O2 EDO E . -15.04 25.20 -11.79
C1 EDO F . -18.66 12.19 -0.73
O1 EDO F . -18.89 10.79 -0.60
C2 EDO F . -19.93 12.87 -0.24
O2 EDO F . -21.01 12.41 -1.06
C1 EDO G . -11.25 21.85 -11.61
O1 EDO G . -12.43 21.30 -12.19
C2 EDO G . -11.64 22.89 -10.57
O2 EDO G . -12.60 23.79 -11.15
C1 EDO H . 10.86 3.98 -13.37
O1 EDO H . 9.75 4.83 -13.11
C2 EDO H . 11.54 4.48 -14.64
O2 EDO H . 12.51 3.50 -15.08
C1 EDO I . 19.16 -12.91 0.70
O1 EDO I . 18.17 -12.10 0.06
C2 EDO I . 20.52 -12.27 0.45
O2 EDO I . 21.45 -12.90 1.34
C1 EDO J . 11.43 -1.23 13.94
O1 EDO J . 10.06 -0.86 13.71
C2 EDO J . 12.29 -0.08 14.49
O2 EDO J . 12.73 0.76 13.43
C1 EDO K . -23.67 -9.80 -10.22
O1 EDO K . -22.60 -10.40 -10.98
C2 EDO K . -24.29 -10.80 -9.27
O2 EDO K . -23.28 -11.28 -8.37
#